data_8V8Y
#
_entry.id   8V8Y
#
_cell.length_a   58.106
_cell.length_b   68.693
_cell.length_c   100.473
_cell.angle_alpha   90.00
_cell.angle_beta   90.00
_cell.angle_gamma   90.00
#
_symmetry.space_group_name_H-M   'P 21 21 21'
#
loop_
_entity.id
_entity.type
_entity.pdbx_description
1 polymer 'UDP-N-acetylmuramoylalanine--D-glutamate ligase'
2 non-polymer 'SODIUM ION'
3 non-polymer 'CHLORIDE ION'
4 non-polymer 'MAGNESIUM ION'
5 non-polymer GLYCEROL
6 non-polymer (4S)-2-METHYL-2,4-PENTANEDIOL
7 water water
#
_entity_poly.entity_id   1
_entity_poly.type   'polypeptide(L)'
_entity_poly.pdbx_seq_one_letter_code
;MAHHHHHHMGTLEAQTQGPGSMADYQGKNVVIIGLGLTGLSCVDFFLARGVTPRVMDTRMTPPGLDKLPEAVERHTGSLN
DEWLMAADLIVASPGIALAHPSLSAAADAGIEIVGDIELFCREAQAPIVAITGSNGKSTVTTLVGEMAKAAGVNVGVGGN
IGLPALMLLDDECELYVLELSSFQLETTSSLQAVAATILNVTEDHMDRYPFGLQQYRAA(KCX)LRIYENAKVCVVNADD
ALTMPIRGADERCVSFGVNMGDYHLNHQQGETWLRVKGEKVLNVKEMKLSGQHNYTNALAALALADAAGLPRASSLKALT
TFTGLPHRFEVVLEHNGVRWINDSKATNVGSTEAALNGLHVDGTLHLLLGGDGKSADFSPLARYLNGDNVRLYCFGRDGA
QLAALRPEVAEQTETMEQAMRLLAPRVQPGDMVLLSPACASLDQFKNFEQRGNEFARLAKELG
;
_entity_poly.pdbx_strand_id   A
#
loop_
_chem_comp.id
_chem_comp.type
_chem_comp.name
_chem_comp.formula
CL non-polymer 'CHLORIDE ION' 'Cl -1'
GOL non-polymer GLYCEROL 'C3 H8 O3'
MG non-polymer 'MAGNESIUM ION' 'Mg 2'
MPD non-polymer (4S)-2-METHYL-2,4-PENTANEDIOL 'C6 H14 O2'
NA non-polymer 'SODIUM ION' 'Na 1'
#
# COMPACT_ATOMS: atom_id res chain seq x y z
N GLY A 18 -35.23 -7.19 -5.65
CA GLY A 18 -34.20 -6.24 -5.27
C GLY A 18 -33.88 -5.21 -6.36
N PRO A 19 -33.17 -4.15 -5.98
CA PRO A 19 -32.87 -3.11 -6.99
C PRO A 19 -32.11 -3.63 -8.21
N GLY A 20 -31.35 -4.71 -8.05
CA GLY A 20 -30.44 -5.12 -9.11
C GLY A 20 -29.27 -4.15 -9.27
N SER A 21 -28.83 -3.99 -10.51
CA SER A 21 -27.78 -3.03 -10.85
C SER A 21 -28.23 -1.60 -10.72
N MET A 22 -29.46 -1.36 -10.28
CA MET A 22 -30.01 -0.02 -10.22
C MET A 22 -30.20 0.35 -8.77
N ALA A 23 -29.13 0.23 -7.99
CA ALA A 23 -29.19 0.74 -6.62
C ALA A 23 -29.65 2.18 -6.69
N ASP A 24 -30.62 2.50 -5.85
CA ASP A 24 -31.23 3.81 -5.86
C ASP A 24 -31.32 4.22 -4.41
N TYR A 25 -30.75 5.37 -4.08
CA TYR A 25 -30.68 5.81 -2.70
C TYR A 25 -31.66 6.95 -2.40
N GLN A 26 -32.46 7.38 -3.37
CA GLN A 26 -33.42 8.45 -3.14
C GLN A 26 -34.44 8.06 -2.09
N GLY A 27 -34.74 9.00 -1.21
CA GLY A 27 -35.67 8.75 -0.15
C GLY A 27 -35.08 8.06 1.05
N LYS A 28 -33.81 7.65 1.00
CA LYS A 28 -33.20 6.96 2.11
C LYS A 28 -32.51 7.96 3.03
N ASN A 29 -32.43 7.58 4.30
CA ASN A 29 -31.69 8.28 5.35
C ASN A 29 -30.30 7.67 5.34
N VAL A 30 -29.36 8.38 4.73
CA VAL A 30 -28.00 7.92 4.51
C VAL A 30 -27.08 8.67 5.47
N VAL A 31 -26.25 7.93 6.20
CA VAL A 31 -25.37 8.52 7.20
C VAL A 31 -23.95 8.10 6.86
N ILE A 32 -23.06 9.09 6.69
CA ILE A 32 -21.65 8.87 6.41
C ILE A 32 -20.83 9.14 7.67
N ILE A 33 -19.93 8.21 7.99
CA ILE A 33 -19.00 8.38 9.10
C ILE A 33 -17.64 8.70 8.50
N GLY A 34 -17.12 9.87 8.83
CA GLY A 34 -15.82 10.31 8.38
C GLY A 34 -15.84 11.50 7.43
N LEU A 35 -15.07 12.53 7.76
CA LEU A 35 -14.96 13.73 6.93
C LEU A 35 -13.56 13.92 6.36
N GLY A 36 -12.79 12.85 6.23
CA GLY A 36 -11.62 12.90 5.41
C GLY A 36 -12.04 12.88 3.95
N LEU A 37 -11.05 12.79 3.07
CA LEU A 37 -11.33 12.82 1.64
C LEU A 37 -12.25 11.67 1.23
N THR A 38 -12.11 10.50 1.87
CA THR A 38 -12.96 9.37 1.51
C THR A 38 -14.42 9.67 1.83
N GLY A 39 -14.70 10.14 3.05
CA GLY A 39 -16.07 10.46 3.38
C GLY A 39 -16.62 11.58 2.53
N LEU A 40 -15.77 12.57 2.20
CA LEU A 40 -16.23 13.63 1.30
C LEU A 40 -16.58 13.07 -0.08
N SER A 41 -15.82 12.09 -0.55
CA SER A 41 -16.16 11.49 -1.85
C SER A 41 -17.52 10.79 -1.77
N CYS A 42 -17.86 10.29 -0.58
CA CYS A 42 -19.19 9.69 -0.38
C CYS A 42 -20.27 10.75 -0.41
N VAL A 43 -20.05 11.89 0.24
CA VAL A 43 -21.00 13.00 0.13
C VAL A 43 -21.26 13.35 -1.32
N ASP A 44 -20.18 13.53 -2.10
CA ASP A 44 -20.33 13.89 -3.51
C ASP A 44 -21.13 12.85 -4.28
N PHE A 45 -20.85 11.57 -4.02
CA PHE A 45 -21.57 10.49 -4.67
C PHE A 45 -23.09 10.58 -4.45
N PHE A 46 -23.51 10.81 -3.21
CA PHE A 46 -24.95 10.87 -2.95
C PHE A 46 -25.57 12.16 -3.49
N LEU A 47 -24.86 13.29 -3.37
CA LEU A 47 -25.40 14.54 -3.92
C LEU A 47 -25.63 14.41 -5.42
N ALA A 48 -24.70 13.78 -6.12
CA ALA A 48 -24.82 13.55 -7.55
C ALA A 48 -26.05 12.71 -7.90
N ARG A 49 -26.59 12.00 -6.92
CA ARG A 49 -27.71 11.09 -7.11
C ARG A 49 -28.96 11.60 -6.43
N GLY A 50 -28.99 12.88 -6.08
CA GLY A 50 -30.19 13.48 -5.50
C GLY A 50 -30.50 13.02 -4.12
N VAL A 51 -29.48 12.71 -3.31
CA VAL A 51 -29.62 12.36 -1.91
C VAL A 51 -28.73 13.27 -1.11
N THR A 52 -29.29 13.93 -0.08
CA THR A 52 -28.49 14.71 0.84
C THR A 52 -28.19 13.87 2.07
N PRO A 53 -26.99 13.36 2.25
CA PRO A 53 -26.70 12.52 3.39
C PRO A 53 -26.43 13.37 4.62
N ARG A 54 -26.45 12.69 5.77
CA ARG A 54 -25.90 13.25 6.99
C ARG A 54 -24.46 12.76 7.14
N VAL A 55 -23.64 13.54 7.79
CA VAL A 55 -22.24 13.16 8.01
CA VAL A 55 -22.24 13.17 8.00
C VAL A 55 -21.87 13.42 9.46
N MET A 56 -20.98 12.58 9.97
CA MET A 56 -20.44 12.75 11.31
C MET A 56 -18.96 12.36 11.31
N ASP A 57 -18.25 12.88 12.31
CA ASP A 57 -16.84 12.60 12.50
C ASP A 57 -16.51 12.82 13.97
N THR A 58 -15.69 11.92 14.55
CA THR A 58 -15.40 12.06 15.97
C THR A 58 -14.53 13.27 16.27
N ARG A 59 -13.81 13.77 15.27
CA ARG A 59 -12.96 14.93 15.47
C ARG A 59 -13.83 16.18 15.56
N MET A 60 -13.47 17.08 16.47
CA MET A 60 -14.29 18.27 16.69
C MET A 60 -14.31 19.15 15.44
N THR A 61 -13.18 19.26 14.75
CA THR A 61 -13.01 20.14 13.60
C THR A 61 -12.25 19.41 12.51
N PRO A 62 -12.88 18.44 11.85
CA PRO A 62 -12.20 17.77 10.74
C PRO A 62 -11.92 18.77 9.64
N PRO A 63 -10.78 18.65 8.95
CA PRO A 63 -10.50 19.62 7.88
C PRO A 63 -11.59 19.66 6.81
N GLY A 64 -12.11 18.50 6.43
CA GLY A 64 -13.11 18.37 5.37
C GLY A 64 -14.41 19.10 5.63
N LEU A 65 -14.65 19.55 6.86
CA LEU A 65 -15.81 20.38 7.15
C LEU A 65 -15.89 21.55 6.19
N ASP A 66 -14.72 22.11 5.84
CA ASP A 66 -14.57 23.25 4.94
C ASP A 66 -15.25 23.05 3.62
N LYS A 67 -15.38 21.80 3.19
CA LYS A 67 -15.77 21.50 1.82
C LYS A 67 -17.22 21.06 1.70
N LEU A 68 -17.95 20.99 2.80
CA LEU A 68 -19.33 20.51 2.77
C LEU A 68 -20.29 21.57 2.25
N PRO A 69 -21.31 21.16 1.49
CA PRO A 69 -22.39 22.09 1.19
C PRO A 69 -23.17 22.41 2.45
N GLU A 70 -23.91 23.52 2.36
CA GLU A 70 -24.65 24.01 3.50
C GLU A 70 -25.75 23.04 3.90
N ALA A 71 -26.38 22.41 2.90
CA ALA A 71 -27.53 21.58 3.14
C ALA A 71 -27.20 20.27 3.85
N VAL A 72 -25.94 19.88 3.90
CA VAL A 72 -25.58 18.60 4.53
C VAL A 72 -25.52 18.79 6.04
N GLU A 73 -26.42 18.12 6.75
CA GLU A 73 -26.38 18.15 8.20
C GLU A 73 -25.15 17.41 8.68
N ARG A 74 -24.48 17.97 9.69
CA ARG A 74 -23.24 17.40 10.17
C ARG A 74 -23.18 17.44 11.69
N HIS A 75 -22.46 16.47 12.23
CA HIS A 75 -22.27 16.29 13.65
C HIS A 75 -20.81 15.96 13.87
N THR A 76 -20.10 16.78 14.64
CA THR A 76 -18.69 16.49 14.86
C THR A 76 -18.38 16.52 16.35
N GLY A 77 -17.28 15.87 16.70
CA GLY A 77 -16.82 15.73 18.07
C GLY A 77 -17.13 14.39 18.71
N SER A 78 -17.95 13.57 18.06
CA SER A 78 -18.33 12.24 18.54
C SER A 78 -19.15 11.63 17.43
N LEU A 79 -19.50 10.36 17.58
CA LEU A 79 -20.52 9.77 16.74
C LEU A 79 -21.87 10.10 17.38
N ASN A 80 -22.87 10.24 16.52
CA ASN A 80 -24.24 10.57 16.93
C ASN A 80 -25.02 9.27 16.81
N ASP A 81 -25.29 8.64 17.95
CA ASP A 81 -25.93 7.32 17.92
C ASP A 81 -27.34 7.38 17.36
N GLU A 82 -28.10 8.45 17.65
CA GLU A 82 -29.48 8.43 17.17
C GLU A 82 -29.52 8.59 15.66
N TRP A 83 -28.55 9.32 15.09
CA TRP A 83 -28.47 9.38 13.65
C TRP A 83 -28.15 8.02 13.08
N LEU A 84 -27.20 7.30 13.69
CA LEU A 84 -26.87 5.97 13.17
C LEU A 84 -28.06 5.05 13.25
N MET A 85 -28.78 5.10 14.37
CA MET A 85 -29.85 4.13 14.57
C MET A 85 -31.09 4.47 13.76
N ALA A 86 -31.17 5.68 13.21
CA ALA A 86 -32.24 6.08 12.31
C ALA A 86 -31.91 5.83 10.85
N ALA A 87 -30.68 5.44 10.54
CA ALA A 87 -30.21 5.33 9.16
C ALA A 87 -30.84 4.15 8.43
N ASP A 88 -31.05 4.33 7.13
CA ASP A 88 -31.29 3.21 6.23
C ASP A 88 -29.99 2.62 5.73
N LEU A 89 -28.96 3.45 5.68
CA LEU A 89 -27.66 3.05 5.18
C LEU A 89 -26.60 3.85 5.92
N ILE A 90 -25.62 3.14 6.48
CA ILE A 90 -24.45 3.73 7.12
C ILE A 90 -23.27 3.46 6.22
N VAL A 91 -22.55 4.52 5.85
CA VAL A 91 -21.35 4.43 5.01
C VAL A 91 -20.16 4.77 5.90
N ALA A 92 -19.38 3.76 6.26
CA ALA A 92 -18.32 3.90 7.23
C ALA A 92 -16.99 4.09 6.53
N SER A 93 -16.32 5.20 6.81
CA SER A 93 -14.98 5.35 6.31
CA SER A 93 -14.94 5.39 6.37
C SER A 93 -14.09 4.24 6.91
N PRO A 94 -13.04 3.84 6.21
CA PRO A 94 -12.26 2.69 6.72
C PRO A 94 -11.50 2.99 8.01
N GLY A 95 -11.43 4.25 8.44
CA GLY A 95 -10.74 4.58 9.68
C GLY A 95 -11.49 4.28 10.97
N ILE A 96 -12.77 3.91 10.90
CA ILE A 96 -13.52 3.51 12.09
C ILE A 96 -13.74 2.00 12.03
N ALA A 97 -13.47 1.32 13.13
CA ALA A 97 -13.61 -0.12 13.17
C ALA A 97 -15.08 -0.51 13.27
N LEU A 98 -15.46 -1.53 12.50
CA LEU A 98 -16.78 -2.11 12.69
C LEU A 98 -17.02 -2.50 14.15
N ALA A 99 -15.93 -2.67 14.91
CA ALA A 99 -16.03 -3.06 16.31
C ALA A 99 -16.39 -1.91 17.23
N HIS A 100 -16.29 -0.66 16.77
CA HIS A 100 -16.73 0.47 17.59
C HIS A 100 -18.14 0.19 18.11
N PRO A 101 -18.41 0.40 19.39
CA PRO A 101 -19.70 -0.04 19.95
C PRO A 101 -20.91 0.59 19.27
N SER A 102 -20.81 1.82 18.78
CA SER A 102 -21.94 2.43 18.10
C SER A 102 -22.25 1.73 16.79
N LEU A 103 -21.22 1.32 16.04
CA LEU A 103 -21.45 0.61 14.78
C LEU A 103 -21.91 -0.81 15.04
N SER A 104 -21.34 -1.47 16.05
CA SER A 104 -21.81 -2.80 16.39
C SER A 104 -23.28 -2.77 16.82
N ALA A 105 -23.69 -1.72 17.52
CA ALA A 105 -25.09 -1.62 17.90
C ALA A 105 -25.98 -1.45 16.68
N ALA A 106 -25.54 -0.66 15.70
CA ALA A 106 -26.32 -0.49 14.47
C ALA A 106 -26.42 -1.81 13.71
N ALA A 107 -25.31 -2.53 13.62
CA ALA A 107 -25.34 -3.83 12.95
C ALA A 107 -26.28 -4.80 13.67
N ASP A 108 -26.20 -4.86 14.99
CA ASP A 108 -27.10 -5.76 15.71
C ASP A 108 -28.56 -5.40 15.49
N ALA A 109 -28.85 -4.15 15.12
CA ALA A 109 -30.21 -3.75 14.78
C ALA A 109 -30.57 -4.02 13.32
N GLY A 110 -29.67 -4.63 12.56
CA GLY A 110 -29.94 -4.92 11.17
C GLY A 110 -29.74 -3.78 10.21
N ILE A 111 -29.09 -2.69 10.62
CA ILE A 111 -28.84 -1.56 9.72
C ILE A 111 -27.68 -1.89 8.79
N GLU A 112 -27.87 -1.62 7.50
CA GLU A 112 -26.87 -1.92 6.49
C GLU A 112 -25.67 -0.99 6.64
N ILE A 113 -24.47 -1.57 6.69
CA ILE A 113 -23.21 -0.85 6.83
C ILE A 113 -22.33 -1.21 5.62
N VAL A 114 -21.93 -0.21 4.86
CA VAL A 114 -21.06 -0.38 3.70
C VAL A 114 -19.93 0.64 3.82
N GLY A 115 -18.98 0.56 2.89
CA GLY A 115 -17.94 1.57 2.76
C GLY A 115 -17.89 2.11 1.34
N ASP A 116 -16.94 3.02 1.13
CA ASP A 116 -16.87 3.67 -0.18
C ASP A 116 -16.62 2.67 -1.30
N ILE A 117 -15.82 1.64 -1.04
CA ILE A 117 -15.50 0.71 -2.12
C ILE A 117 -16.73 -0.11 -2.48
N GLU A 118 -17.60 -0.38 -1.50
CA GLU A 118 -18.83 -1.09 -1.81
C GLU A 118 -19.73 -0.25 -2.70
N LEU A 119 -19.87 1.04 -2.39
CA LEU A 119 -20.66 1.91 -3.26
C LEU A 119 -20.04 1.95 -4.65
N PHE A 120 -18.71 1.97 -4.72
CA PHE A 120 -18.02 2.02 -6.01
C PHE A 120 -18.29 0.77 -6.82
N CYS A 121 -18.18 -0.40 -6.18
CA CYS A 121 -18.34 -1.64 -6.91
C CYS A 121 -19.75 -1.79 -7.47
N ARG A 122 -20.75 -1.24 -6.76
CA ARG A 122 -22.11 -1.33 -7.26
C ARG A 122 -22.30 -0.52 -8.53
N GLU A 123 -21.51 0.55 -8.72
CA GLU A 123 -21.69 1.47 -9.83
C GLU A 123 -20.67 1.32 -10.94
N ALA A 124 -19.56 0.63 -10.71
CA ALA A 124 -18.52 0.56 -11.73
C ALA A 124 -19.01 -0.16 -12.97
N GLN A 125 -18.72 0.41 -14.14
CA GLN A 125 -19.15 -0.14 -15.42
C GLN A 125 -17.96 -0.53 -16.28
N ALA A 126 -16.81 -0.77 -15.66
CA ALA A 126 -15.64 -1.32 -16.31
C ALA A 126 -14.98 -2.32 -15.39
N PRO A 127 -14.13 -3.19 -15.94
CA PRO A 127 -13.42 -4.16 -15.10
C PRO A 127 -12.56 -3.50 -14.02
N ILE A 128 -12.44 -4.18 -12.90
CA ILE A 128 -11.64 -3.72 -11.76
C ILE A 128 -10.48 -4.68 -11.54
N VAL A 129 -9.27 -4.13 -11.49
CA VAL A 129 -8.09 -4.80 -10.95
C VAL A 129 -7.95 -4.33 -9.51
N ALA A 130 -7.90 -5.27 -8.59
CA ALA A 130 -7.92 -4.92 -7.17
C ALA A 130 -6.66 -5.43 -6.49
N ILE A 131 -5.98 -4.54 -5.74
CA ILE A 131 -4.68 -4.81 -5.15
C ILE A 131 -4.70 -4.50 -3.66
N THR A 132 -4.41 -5.51 -2.83
CA THR A 132 -4.16 -5.25 -1.40
C THR A 132 -2.88 -5.95 -1.00
N GLY A 133 -2.51 -5.79 0.25
CA GLY A 133 -1.30 -6.35 0.82
C GLY A 133 -0.68 -5.37 1.78
N SER A 134 0.25 -5.87 2.61
CA SER A 134 0.86 -5.03 3.62
C SER A 134 1.81 -4.02 3.01
N ASN A 135 2.65 -4.45 2.08
CA ASN A 135 3.70 -3.67 1.46
C ASN A 135 3.61 -3.76 -0.05
N GLY A 136 3.82 -2.64 -0.73
CA GLY A 136 3.91 -2.63 -2.17
C GLY A 136 2.64 -2.25 -2.91
N LYS A 137 1.54 -1.98 -2.19
CA LYS A 137 0.28 -1.73 -2.88
C LYS A 137 0.39 -0.56 -3.84
N SER A 138 0.99 0.55 -3.43
CA SER A 138 0.94 1.73 -4.28
C SER A 138 1.80 1.55 -5.51
N THR A 139 2.95 0.88 -5.36
CA THR A 139 3.81 0.62 -6.51
C THR A 139 3.09 -0.25 -7.54
N VAL A 140 2.49 -1.35 -7.09
CA VAL A 140 1.84 -2.26 -8.02
C VAL A 140 0.65 -1.58 -8.69
N THR A 141 -0.18 -0.89 -7.90
CA THR A 141 -1.35 -0.18 -8.45
C THR A 141 -0.91 0.81 -9.52
N THR A 142 0.07 1.65 -9.21
CA THR A 142 0.53 2.66 -10.15
C THR A 142 1.10 2.00 -11.40
N LEU A 143 1.84 0.90 -11.24
CA LEU A 143 2.46 0.25 -12.37
C LEU A 143 1.43 -0.42 -13.28
N VAL A 144 0.44 -1.13 -12.72
CA VAL A 144 -0.63 -1.65 -13.58
C VAL A 144 -1.30 -0.49 -14.33
N GLY A 145 -1.53 0.63 -13.64
CA GLY A 145 -2.04 1.81 -14.33
C GLY A 145 -1.17 2.26 -15.49
N GLU A 146 0.14 2.24 -15.33
CA GLU A 146 1.01 2.65 -16.43
C GLU A 146 1.00 1.63 -17.56
N MET A 147 0.89 0.34 -17.22
CA MET A 147 0.72 -0.68 -18.25
C MET A 147 -0.54 -0.43 -19.06
N ALA A 148 -1.62 -0.05 -18.38
CA ALA A 148 -2.84 0.23 -19.11
C ALA A 148 -2.70 1.49 -19.96
N LYS A 149 -2.06 2.53 -19.41
CA LYS A 149 -1.86 3.75 -20.20
C LYS A 149 -1.01 3.50 -21.45
N ALA A 150 -0.02 2.61 -21.35
CA ALA A 150 0.81 2.28 -22.49
C ALA A 150 0.03 1.55 -23.58
N ALA A 151 -1.06 0.91 -23.22
CA ALA A 151 -1.98 0.28 -24.16
C ALA A 151 -3.03 1.24 -24.69
N GLY A 152 -3.00 2.50 -24.26
CA GLY A 152 -3.97 3.48 -24.70
C GLY A 152 -5.32 3.38 -24.02
N VAL A 153 -5.38 2.73 -22.89
CA VAL A 153 -6.62 2.48 -22.18
C VAL A 153 -6.92 3.66 -21.25
N ASN A 154 -8.18 4.08 -21.19
CA ASN A 154 -8.52 5.19 -20.29
C ASN A 154 -8.77 4.58 -18.93
N VAL A 155 -7.71 4.48 -18.18
CA VAL A 155 -7.71 3.75 -16.92
C VAL A 155 -7.89 4.73 -15.77
N GLY A 156 -8.67 4.31 -14.79
CA GLY A 156 -8.87 5.07 -13.57
C GLY A 156 -8.14 4.40 -12.43
N VAL A 157 -7.15 5.10 -11.84
CA VAL A 157 -6.25 4.54 -10.83
C VAL A 157 -6.47 5.27 -9.52
N GLY A 158 -6.80 4.54 -8.47
CA GLY A 158 -7.01 5.18 -7.21
C GLY A 158 -7.20 4.20 -6.09
N GLY A 159 -7.86 4.69 -5.04
CA GLY A 159 -8.11 3.93 -3.83
C GLY A 159 -7.20 4.30 -2.70
N ASN A 160 -6.03 4.85 -2.99
CA ASN A 160 -5.21 5.44 -1.96
C ASN A 160 -5.98 6.60 -1.29
N ILE A 161 -5.46 7.05 -0.15
CA ILE A 161 -6.21 8.05 0.61
C ILE A 161 -6.38 9.34 -0.21
N GLY A 162 -5.38 9.69 -1.02
CA GLY A 162 -5.44 10.92 -1.81
C GLY A 162 -6.24 10.84 -3.10
N LEU A 163 -6.73 9.67 -3.49
CA LEU A 163 -7.59 9.54 -4.67
C LEU A 163 -8.68 8.52 -4.40
N PRO A 164 -9.73 8.92 -3.70
CA PRO A 164 -10.79 7.97 -3.36
C PRO A 164 -11.43 7.39 -4.60
N ALA A 165 -11.70 6.09 -4.55
CA ALA A 165 -12.26 5.38 -5.70
C ALA A 165 -13.48 6.06 -6.28
N LEU A 166 -14.40 6.57 -5.46
CA LEU A 166 -15.63 7.10 -6.02
C LEU A 166 -15.37 8.27 -6.96
N MET A 167 -14.26 8.99 -6.76
CA MET A 167 -13.99 10.11 -7.64
C MET A 167 -13.64 9.65 -9.05
N LEU A 168 -13.26 8.39 -9.21
CA LEU A 168 -12.90 7.83 -10.51
C LEU A 168 -14.09 7.45 -11.37
N LEU A 169 -15.26 7.23 -10.77
CA LEU A 169 -16.39 6.73 -11.54
C LEU A 169 -16.69 7.63 -12.71
N ASP A 170 -16.74 7.03 -13.88
CA ASP A 170 -17.02 7.76 -15.12
C ASP A 170 -17.31 6.76 -16.22
N ASP A 171 -18.36 7.00 -17.01
CA ASP A 171 -18.70 6.10 -18.10
C ASP A 171 -17.62 6.07 -19.17
N GLU A 172 -16.68 7.03 -19.17
CA GLU A 172 -15.58 7.00 -20.12
C GLU A 172 -14.47 6.05 -19.68
N CYS A 173 -14.48 5.60 -18.43
CA CYS A 173 -13.41 4.74 -17.95
CA CYS A 173 -13.42 4.73 -17.95
C CYS A 173 -13.55 3.33 -18.52
N GLU A 174 -12.41 2.78 -18.94
CA GLU A 174 -12.34 1.49 -19.59
C GLU A 174 -11.74 0.42 -18.69
N LEU A 175 -11.15 0.81 -17.56
CA LEU A 175 -10.53 -0.09 -16.61
C LEU A 175 -10.30 0.68 -15.32
N TYR A 176 -10.55 0.03 -14.19
CA TYR A 176 -10.23 0.59 -12.90
C TYR A 176 -9.14 -0.27 -12.27
N VAL A 177 -8.20 0.42 -11.62
CA VAL A 177 -7.12 -0.20 -10.88
C VAL A 177 -7.14 0.43 -9.50
N LEU A 178 -7.50 -0.38 -8.50
CA LEU A 178 -7.73 0.09 -7.14
C LEU A 178 -6.73 -0.52 -6.16
N GLU A 179 -6.13 0.35 -5.36
CA GLU A 179 -5.44 -0.04 -4.14
C GLU A 179 -6.49 -0.10 -3.02
N LEU A 180 -6.60 -1.26 -2.38
CA LEU A 180 -7.57 -1.50 -1.33
C LEU A 180 -6.91 -1.91 -0.02
N SER A 181 -7.37 -1.31 1.07
CA SER A 181 -6.90 -1.66 2.38
C SER A 181 -7.74 -2.78 2.98
N SER A 182 -7.17 -3.48 3.95
CA SER A 182 -7.95 -4.46 4.70
C SER A 182 -9.22 -3.81 5.26
N PHE A 183 -9.12 -2.56 5.75
CA PHE A 183 -10.29 -1.91 6.33
C PHE A 183 -11.39 -1.69 5.30
N GLN A 184 -11.03 -1.29 4.09
CA GLN A 184 -12.02 -1.14 3.04
C GLN A 184 -12.65 -2.47 2.68
N LEU A 185 -11.82 -3.52 2.61
CA LEU A 185 -12.35 -4.81 2.22
C LEU A 185 -13.35 -5.33 3.24
N GLU A 186 -13.18 -5.00 4.53
CA GLU A 186 -14.09 -5.49 5.57
C GLU A 186 -15.55 -5.09 5.32
N THR A 187 -15.79 -3.97 4.64
CA THR A 187 -17.14 -3.49 4.39
C THR A 187 -17.56 -3.67 2.93
N THR A 188 -16.83 -4.47 2.18
CA THR A 188 -17.07 -4.63 0.76
C THR A 188 -17.57 -6.04 0.48
N SER A 189 -18.71 -6.14 -0.21
CA SER A 189 -19.35 -7.41 -0.54
C SER A 189 -19.54 -7.64 -2.03
N SER A 190 -19.51 -6.58 -2.85
CA SER A 190 -19.89 -6.65 -4.26
C SER A 190 -18.70 -6.63 -5.21
N LEU A 191 -17.48 -6.75 -4.71
CA LEU A 191 -16.31 -6.72 -5.59
C LEU A 191 -16.22 -8.02 -6.38
N GLN A 192 -16.11 -7.89 -7.72
CA GLN A 192 -15.90 -9.01 -8.64
C GLN A 192 -14.75 -8.62 -9.57
N ALA A 193 -13.55 -8.72 -9.04
CA ALA A 193 -12.36 -8.23 -9.74
C ALA A 193 -12.04 -9.12 -10.94
N VAL A 194 -11.60 -8.51 -12.04
CA VAL A 194 -11.11 -9.30 -13.15
C VAL A 194 -9.81 -9.97 -12.75
N ALA A 195 -9.04 -9.30 -11.89
CA ALA A 195 -7.81 -9.82 -11.33
C ALA A 195 -7.59 -9.15 -9.99
N ALA A 196 -7.22 -9.94 -9.01
CA ALA A 196 -7.03 -9.46 -7.65
C ALA A 196 -5.77 -10.10 -7.08
N THR A 197 -5.10 -9.37 -6.20
CA THR A 197 -3.91 -9.88 -5.50
C THR A 197 -3.92 -9.45 -4.04
N ILE A 198 -3.42 -10.32 -3.18
CA ILE A 198 -2.85 -9.99 -1.88
C ILE A 198 -1.34 -10.10 -2.03
N LEU A 199 -0.63 -8.97 -2.00
CA LEU A 199 0.79 -9.03 -2.31
C LEU A 199 1.58 -9.76 -1.23
N ASN A 200 1.20 -9.57 0.03
CA ASN A 200 1.89 -10.09 1.18
C ASN A 200 1.01 -9.77 2.39
N VAL A 201 1.29 -10.45 3.49
CA VAL A 201 0.65 -10.21 4.76
C VAL A 201 1.72 -10.22 5.84
N THR A 202 2.02 -9.06 6.44
CA THR A 202 3.00 -8.97 7.49
C THR A 202 2.33 -8.35 8.70
N GLU A 203 2.79 -8.73 9.89
CA GLU A 203 2.22 -8.21 11.13
C GLU A 203 2.15 -6.68 11.09
N ASP A 204 0.91 -6.16 11.12
CA ASP A 204 0.67 -4.73 10.96
C ASP A 204 -0.81 -4.44 11.17
N HIS A 205 -1.10 -3.37 11.91
CA HIS A 205 -2.48 -3.00 12.24
C HIS A 205 -2.99 -3.89 13.35
N MET A 206 -2.11 -4.25 14.29
CA MET A 206 -2.51 -5.07 15.43
C MET A 206 -3.68 -4.45 16.18
N ASP A 207 -3.70 -3.12 16.31
CA ASP A 207 -4.78 -2.46 17.05
C ASP A 207 -6.14 -2.87 16.50
N ARG A 208 -6.30 -2.85 15.19
CA ARG A 208 -7.57 -3.13 14.56
C ARG A 208 -7.89 -4.62 14.45
N TYR A 209 -6.91 -5.51 14.68
CA TYR A 209 -7.10 -6.96 14.53
C TYR A 209 -6.61 -7.64 15.81
N PRO A 210 -7.40 -7.61 16.88
CA PRO A 210 -6.93 -8.15 18.15
C PRO A 210 -6.73 -9.66 18.16
N PHE A 211 -7.29 -10.39 17.20
CA PHE A 211 -7.09 -11.83 17.14
C PHE A 211 -5.95 -12.19 16.20
N GLY A 212 -5.12 -11.22 15.84
CA GLY A 212 -3.81 -11.49 15.28
C GLY A 212 -3.78 -11.59 13.77
N LEU A 213 -2.73 -12.25 13.31
CA LEU A 213 -2.35 -12.21 11.91
C LEU A 213 -3.42 -12.82 11.01
N GLN A 214 -4.10 -13.88 11.48
CA GLN A 214 -5.09 -14.53 10.63
C GLN A 214 -6.38 -13.71 10.51
N GLN A 215 -6.69 -12.86 11.50
CA GLN A 215 -7.83 -11.96 11.40
C GLN A 215 -7.57 -10.84 10.39
N TYR A 216 -6.40 -10.22 10.49
CA TYR A 216 -5.94 -9.28 9.48
C TYR A 216 -5.98 -9.91 8.09
N ARG A 217 -5.44 -11.12 7.96
CA ARG A 217 -5.52 -11.84 6.71
C ARG A 217 -6.96 -12.00 6.23
N ALA A 218 -7.87 -12.37 7.14
CA ALA A 218 -9.23 -12.71 6.71
C ALA A 218 -9.90 -11.53 6.01
N ALA A 219 -9.63 -10.33 6.48
CA ALA A 219 -10.09 -9.12 5.80
C ALA A 219 -9.54 -9.02 4.38
N KCX A 220 -8.25 -9.25 4.21
CA KCX A 220 -7.67 -9.18 2.88
CB KCX A 220 -6.14 -9.25 2.97
CG KCX A 220 -5.51 -7.98 3.57
CD KCX A 220 -3.98 -7.86 3.45
CE KCX A 220 -3.38 -6.61 4.12
NZ KCX A 220 -3.81 -5.36 3.49
C KCX A 220 -8.19 -10.27 1.94
O KCX A 220 -8.34 -10.02 0.74
CX KCX A 220 -3.49 -4.07 4.00
OQ1 KCX A 220 -2.65 -4.00 4.89
OQ2 KCX A 220 -4.07 -3.10 3.46
N LEU A 221 -8.47 -11.46 2.48
CA LEU A 221 -8.96 -12.58 1.67
C LEU A 221 -10.29 -12.30 0.97
N ARG A 222 -11.04 -11.31 1.46
CA ARG A 222 -12.28 -10.94 0.79
C ARG A 222 -12.05 -10.50 -0.64
N ILE A 223 -10.83 -9.99 -0.96
CA ILE A 223 -10.56 -9.47 -2.28
C ILE A 223 -10.67 -10.56 -3.33
N TYR A 224 -10.51 -11.82 -2.95
CA TYR A 224 -10.56 -12.91 -3.93
C TYR A 224 -11.96 -13.44 -4.18
N GLU A 225 -12.94 -13.05 -3.35
CA GLU A 225 -14.31 -13.51 -3.51
C GLU A 225 -14.85 -12.99 -4.83
N ASN A 226 -15.24 -13.94 -5.70
CA ASN A 226 -15.75 -13.65 -7.03
C ASN A 226 -14.73 -12.99 -7.94
N ALA A 227 -13.45 -13.08 -7.62
CA ALA A 227 -12.40 -12.65 -8.55
C ALA A 227 -12.21 -13.68 -9.65
N LYS A 228 -11.97 -13.21 -10.87
CA LYS A 228 -11.79 -14.16 -11.97
C LYS A 228 -10.43 -14.80 -11.96
N VAL A 229 -9.41 -14.04 -11.61
CA VAL A 229 -8.02 -14.48 -11.50
C VAL A 229 -7.47 -13.98 -10.18
N CYS A 230 -6.80 -14.87 -9.45
CA CYS A 230 -6.12 -14.53 -8.21
C CYS A 230 -4.62 -14.58 -8.46
N VAL A 231 -3.96 -13.45 -8.28
CA VAL A 231 -2.51 -13.35 -8.37
C VAL A 231 -1.98 -13.45 -6.95
N VAL A 232 -1.30 -14.57 -6.67
CA VAL A 232 -0.85 -14.91 -5.33
C VAL A 232 0.68 -14.85 -5.27
N ASN A 233 1.18 -14.65 -4.06
CA ASN A 233 2.61 -14.57 -3.81
C ASN A 233 3.11 -15.97 -3.43
N ALA A 234 3.85 -16.58 -4.32
CA ALA A 234 4.40 -17.93 -4.07
C ALA A 234 5.30 -18.00 -2.83
N ASP A 235 5.83 -16.88 -2.37
CA ASP A 235 6.66 -16.87 -1.18
C ASP A 235 5.90 -16.58 0.11
N ASP A 236 4.59 -16.38 0.06
CA ASP A 236 3.80 -16.00 1.26
C ASP A 236 2.48 -16.75 1.25
N ALA A 237 2.41 -17.81 2.05
CA ALA A 237 1.23 -18.66 2.04
C ALA A 237 -0.02 -17.92 2.50
N LEU A 238 0.11 -16.85 3.28
CA LEU A 238 -1.09 -16.14 3.70
C LEU A 238 -1.77 -15.41 2.56
N THR A 239 -1.14 -15.30 1.39
CA THR A 239 -1.79 -14.68 0.25
C THR A 239 -2.59 -15.67 -0.58
N MET A 240 -2.56 -16.97 -0.22
CA MET A 240 -3.38 -17.94 -0.91
C MET A 240 -4.85 -17.76 -0.53
N PRO A 241 -5.77 -18.05 -1.45
CA PRO A 241 -7.20 -18.02 -1.08
C PRO A 241 -7.48 -18.96 0.06
N ILE A 242 -8.62 -18.73 0.71
CA ILE A 242 -8.84 -19.32 2.03
C ILE A 242 -8.87 -20.84 1.95
N ARG A 243 -9.42 -21.39 0.85
CA ARG A 243 -9.46 -22.84 0.67
C ARG A 243 -8.26 -23.37 -0.12
N GLY A 244 -7.26 -22.54 -0.40
CA GLY A 244 -6.04 -22.98 -1.04
C GLY A 244 -5.99 -22.49 -2.48
N ALA A 245 -4.90 -22.85 -3.16
CA ALA A 245 -4.78 -22.48 -4.55
C ALA A 245 -5.87 -23.21 -5.33
N ASP A 246 -6.39 -22.53 -6.35
CA ASP A 246 -7.38 -23.14 -7.22
C ASP A 246 -7.03 -22.78 -8.67
N GLU A 247 -7.90 -23.17 -9.58
CA GLU A 247 -7.67 -23.00 -11.00
C GLU A 247 -7.60 -21.54 -11.43
N ARG A 248 -8.03 -20.59 -10.58
CA ARG A 248 -7.93 -19.17 -10.85
C ARG A 248 -6.57 -18.58 -10.53
N CYS A 249 -5.71 -19.34 -9.87
CA CYS A 249 -4.52 -18.77 -9.26
C CYS A 249 -3.33 -18.77 -10.20
N VAL A 250 -2.65 -17.64 -10.23
CA VAL A 250 -1.40 -17.40 -10.93
C VAL A 250 -0.45 -16.86 -9.89
N SER A 251 0.79 -17.38 -9.82
CA SER A 251 1.68 -16.96 -8.74
C SER A 251 2.84 -16.11 -9.23
N PHE A 252 3.32 -15.24 -8.34
CA PHE A 252 4.61 -14.55 -8.52
C PHE A 252 5.50 -14.88 -7.35
N GLY A 253 6.81 -14.93 -7.60
CA GLY A 253 7.75 -15.20 -6.53
C GLY A 253 9.16 -14.85 -6.94
N VAL A 254 10.07 -14.94 -5.95
CA VAL A 254 11.47 -14.67 -6.23
C VAL A 254 12.11 -15.80 -7.02
N ASN A 255 12.07 -17.04 -6.51
CA ASN A 255 12.80 -18.14 -7.13
C ASN A 255 11.97 -18.99 -8.09
N MET A 256 10.66 -19.04 -7.91
CA MET A 256 9.80 -19.90 -8.72
C MET A 256 8.38 -19.36 -8.65
N GLY A 257 7.50 -19.95 -9.43
CA GLY A 257 6.15 -19.45 -9.65
C GLY A 257 5.92 -19.13 -11.12
N ASP A 258 4.66 -18.82 -11.44
CA ASP A 258 4.34 -18.48 -12.83
C ASP A 258 5.16 -17.30 -13.31
N TYR A 259 5.39 -16.32 -12.42
CA TYR A 259 6.14 -15.11 -12.66
C TYR A 259 7.24 -15.12 -11.60
N HIS A 260 8.50 -15.10 -12.02
CA HIS A 260 9.58 -15.11 -11.02
C HIS A 260 10.83 -14.45 -11.61
N LEU A 261 11.87 -14.44 -10.80
CA LEU A 261 13.15 -13.84 -11.13
C LEU A 261 14.19 -14.91 -11.45
N ASN A 262 15.03 -14.65 -12.45
CA ASN A 262 16.11 -15.52 -12.84
C ASN A 262 17.42 -14.73 -12.80
N HIS A 263 18.41 -15.25 -12.08
CA HIS A 263 19.69 -14.58 -11.91
C HIS A 263 20.80 -15.50 -12.40
N GLN A 264 21.64 -14.99 -13.29
CA GLN A 264 22.81 -15.73 -13.74
C GLN A 264 23.94 -14.76 -13.97
N GLN A 265 25.04 -14.93 -13.22
CA GLN A 265 26.31 -14.27 -13.49
C GLN A 265 26.12 -12.76 -13.70
N GLY A 266 25.58 -12.13 -12.65
CA GLY A 266 25.40 -10.70 -12.64
C GLY A 266 24.16 -10.18 -13.34
N GLU A 267 23.44 -11.02 -14.08
CA GLU A 267 22.26 -10.60 -14.83
C GLU A 267 21.01 -11.13 -14.17
N THR A 268 19.95 -10.34 -14.24
CA THR A 268 18.66 -10.74 -13.72
C THR A 268 17.60 -10.47 -14.76
N TRP A 269 16.69 -11.43 -14.89
CA TRP A 269 15.58 -11.35 -15.83
C TRP A 269 14.26 -11.61 -15.11
N LEU A 270 13.22 -10.93 -15.56
CA LEU A 270 11.87 -11.37 -15.25
C LEU A 270 11.55 -12.59 -16.11
N ARG A 271 10.92 -13.58 -15.50
CA ARG A 271 10.63 -14.82 -16.19
C ARG A 271 9.15 -15.16 -15.99
N VAL A 272 8.49 -15.58 -17.06
CA VAL A 272 7.06 -15.88 -17.05
C VAL A 272 6.86 -17.23 -17.73
N LYS A 273 6.26 -18.18 -17.00
CA LYS A 273 5.93 -19.50 -17.53
C LYS A 273 7.14 -20.12 -18.22
N GLY A 274 8.29 -19.97 -17.57
CA GLY A 274 9.51 -20.59 -18.03
C GLY A 274 10.25 -19.84 -19.12
N GLU A 275 9.84 -18.62 -19.45
CA GLU A 275 10.45 -17.83 -20.52
C GLU A 275 10.93 -16.49 -19.95
N LYS A 276 12.21 -16.17 -20.13
CA LYS A 276 12.63 -14.79 -19.85
C LYS A 276 11.84 -13.83 -20.71
N VAL A 277 11.40 -12.72 -20.11
CA VAL A 277 10.65 -11.71 -20.85
C VAL A 277 11.31 -10.35 -20.84
N LEU A 278 12.22 -10.08 -19.91
CA LEU A 278 12.83 -8.76 -19.84
C LEU A 278 14.05 -8.83 -18.97
N ASN A 279 15.15 -8.29 -19.46
CA ASN A 279 16.31 -8.09 -18.62
C ASN A 279 16.05 -6.88 -17.74
N VAL A 280 16.26 -7.01 -16.42
CA VAL A 280 15.90 -5.89 -15.55
C VAL A 280 16.78 -4.66 -15.77
N LYS A 281 17.88 -4.77 -16.52
CA LYS A 281 18.63 -3.56 -16.86
C LYS A 281 17.81 -2.62 -17.73
N GLU A 282 16.73 -3.10 -18.34
CA GLU A 282 15.84 -2.26 -19.13
C GLU A 282 14.86 -1.48 -18.28
N MET A 283 14.78 -1.81 -16.99
CA MET A 283 13.87 -1.17 -16.05
C MET A 283 14.56 -0.04 -15.28
N LYS A 284 13.73 0.81 -14.69
CA LYS A 284 14.20 1.91 -13.89
C LYS A 284 14.12 1.61 -12.40
N LEU A 285 13.25 0.67 -12.02
CA LEU A 285 13.19 0.18 -10.65
C LEU A 285 14.42 -0.66 -10.33
N SER A 286 14.79 -0.68 -9.03
CA SER A 286 15.78 -1.63 -8.54
C SER A 286 15.29 -2.20 -7.22
N GLY A 287 15.97 -3.26 -6.79
CA GLY A 287 15.59 -3.93 -5.57
C GLY A 287 14.71 -5.14 -5.82
N GLN A 288 14.98 -6.20 -5.09
CA GLN A 288 14.22 -7.43 -5.24
C GLN A 288 12.73 -7.21 -5.03
N HIS A 289 12.35 -6.44 -4.01
CA HIS A 289 10.93 -6.27 -3.73
C HIS A 289 10.25 -5.52 -4.86
N ASN A 290 10.89 -4.49 -5.40
CA ASN A 290 10.30 -3.81 -6.55
C ASN A 290 10.25 -4.72 -7.76
N TYR A 291 11.21 -5.62 -7.93
CA TYR A 291 11.09 -6.56 -9.04
C TYR A 291 9.92 -7.51 -8.85
N THR A 292 9.66 -7.96 -7.61
CA THR A 292 8.49 -8.81 -7.42
C THR A 292 7.22 -8.01 -7.57
N ASN A 293 7.24 -6.72 -7.19
CA ASN A 293 6.11 -5.85 -7.49
C ASN A 293 5.86 -5.76 -8.99
N ALA A 294 6.93 -5.63 -9.77
CA ALA A 294 6.77 -5.60 -11.22
C ALA A 294 6.19 -6.90 -11.75
N LEU A 295 6.63 -8.04 -11.20
CA LEU A 295 6.04 -9.32 -11.57
C LEU A 295 4.56 -9.39 -11.25
N ALA A 296 4.16 -8.97 -10.04
CA ALA A 296 2.76 -8.98 -9.67
C ALA A 296 1.96 -8.10 -10.61
N ALA A 297 2.49 -6.92 -10.94
CA ALA A 297 1.79 -6.02 -11.84
C ALA A 297 1.63 -6.64 -13.22
N LEU A 298 2.69 -7.28 -13.71
CA LEU A 298 2.60 -7.90 -15.02
C LEU A 298 1.57 -9.02 -15.02
N ALA A 299 1.55 -9.82 -13.96
CA ALA A 299 0.55 -10.87 -13.86
C ALA A 299 -0.86 -10.29 -13.86
N LEU A 300 -1.09 -9.22 -13.10
CA LEU A 300 -2.42 -8.62 -13.07
C LEU A 300 -2.81 -8.06 -14.44
N ALA A 301 -1.87 -7.39 -15.11
CA ALA A 301 -2.13 -6.82 -16.42
C ALA A 301 -2.45 -7.91 -17.44
N ASP A 302 -1.64 -8.97 -17.47
CA ASP A 302 -1.90 -10.10 -18.35
C ASP A 302 -3.29 -10.67 -18.11
N ALA A 303 -3.64 -10.86 -16.84
CA ALA A 303 -4.93 -11.44 -16.47
C ALA A 303 -6.08 -10.52 -16.83
N ALA A 304 -5.87 -9.21 -16.78
CA ALA A 304 -6.90 -8.25 -17.16
C ALA A 304 -7.08 -8.14 -18.66
N GLY A 305 -6.20 -8.76 -19.45
CA GLY A 305 -6.31 -8.70 -20.89
C GLY A 305 -5.51 -7.62 -21.56
N LEU A 306 -4.67 -6.89 -20.82
CA LEU A 306 -3.82 -5.87 -21.43
C LEU A 306 -2.75 -6.52 -22.29
N PRO A 307 -2.40 -5.91 -23.43
CA PRO A 307 -1.40 -6.51 -24.32
C PRO A 307 -0.05 -6.61 -23.64
N ARG A 308 0.56 -7.78 -23.77
CA ARG A 308 1.86 -8.03 -23.16
C ARG A 308 2.91 -7.03 -23.63
N ALA A 309 2.91 -6.68 -24.92
CA ALA A 309 3.99 -5.85 -25.44
C ALA A 309 3.98 -4.47 -24.80
N SER A 310 2.80 -3.85 -24.69
CA SER A 310 2.74 -2.55 -24.05
C SER A 310 3.01 -2.63 -22.55
N SER A 311 2.64 -3.74 -21.90
CA SER A 311 2.93 -3.90 -20.48
C SER A 311 4.44 -3.99 -20.24
N LEU A 312 5.17 -4.72 -21.09
CA LEU A 312 6.62 -4.69 -21.01
C LEU A 312 7.20 -3.30 -21.26
N LYS A 313 6.64 -2.54 -22.23
CA LYS A 313 7.13 -1.20 -22.48
C LYS A 313 7.00 -0.35 -21.20
N ALA A 314 5.90 -0.50 -20.49
CA ALA A 314 5.67 0.28 -19.27
C ALA A 314 6.69 -0.09 -18.21
N LEU A 315 7.10 -1.36 -18.15
CA LEU A 315 8.16 -1.75 -17.22
C LEU A 315 9.46 -1.04 -17.50
N THR A 316 9.68 -0.59 -18.74
CA THR A 316 10.93 0.09 -19.07
C THR A 316 10.85 1.58 -18.86
N THR A 317 9.63 2.15 -18.76
CA THR A 317 9.50 3.59 -18.58
C THR A 317 9.12 3.98 -17.17
N PHE A 318 8.44 3.11 -16.43
CA PHE A 318 8.00 3.43 -15.06
C PHE A 318 9.17 3.78 -14.18
N THR A 319 9.12 4.99 -13.60
CA THR A 319 10.19 5.47 -12.75
C THR A 319 10.14 4.87 -11.36
N GLY A 320 8.98 4.40 -10.94
CA GLY A 320 8.75 4.08 -9.55
C GLY A 320 8.28 5.29 -8.76
N LEU A 321 7.65 5.02 -7.64
CA LEU A 321 7.23 6.05 -6.71
C LEU A 321 8.38 6.49 -5.81
N PRO A 322 8.39 7.75 -5.36
CA PRO A 322 9.42 8.17 -4.42
C PRO A 322 9.31 7.39 -3.12
N HIS A 323 10.44 7.22 -2.45
CA HIS A 323 10.54 6.66 -1.10
C HIS A 323 10.37 5.15 -1.08
N ARG A 324 10.23 4.53 -2.25
CA ARG A 324 10.06 3.07 -2.35
C ARG A 324 11.33 2.49 -2.98
N PHE A 325 12.29 2.11 -2.13
CA PHE A 325 13.61 1.68 -2.60
C PHE A 325 14.05 2.52 -3.80
N GLU A 326 14.05 3.83 -3.59
CA GLU A 326 14.30 4.80 -4.63
C GLU A 326 15.78 5.18 -4.65
N VAL A 327 16.44 5.00 -5.80
CA VAL A 327 17.82 5.46 -5.93
C VAL A 327 17.78 6.96 -6.14
N VAL A 328 18.23 7.71 -5.13
CA VAL A 328 18.24 9.16 -5.22
C VAL A 328 19.60 9.68 -5.63
N LEU A 329 20.64 8.84 -5.58
CA LEU A 329 21.95 9.26 -6.04
C LEU A 329 22.78 8.01 -6.29
N GLU A 330 23.47 8.00 -7.43
CA GLU A 330 24.47 6.98 -7.68
C GLU A 330 25.70 7.74 -8.14
N HIS A 331 26.71 7.77 -7.30
CA HIS A 331 27.88 8.57 -7.57
C HIS A 331 29.08 7.98 -6.89
N ASN A 332 30.19 7.94 -7.62
CA ASN A 332 31.44 7.38 -7.13
C ASN A 332 31.25 5.96 -6.62
N GLY A 333 30.37 5.22 -7.29
CA GLY A 333 30.20 3.83 -7.00
C GLY A 333 29.38 3.54 -5.78
N VAL A 334 28.69 4.55 -5.22
CA VAL A 334 27.86 4.38 -4.04
C VAL A 334 26.42 4.69 -4.44
N ARG A 335 25.52 3.76 -4.16
CA ARG A 335 24.08 3.94 -4.40
C ARG A 335 23.43 4.38 -3.09
N TRP A 336 22.77 5.54 -3.12
CA TRP A 336 22.04 6.08 -1.99
C TRP A 336 20.57 5.80 -2.24
N ILE A 337 19.95 5.03 -1.35
CA ILE A 337 18.62 4.48 -1.60
C ILE A 337 17.67 4.98 -0.52
N ASN A 338 16.62 5.66 -0.98
CA ASN A 338 15.55 6.19 -0.12
C ASN A 338 14.41 5.19 -0.07
N ASP A 339 14.34 4.43 1.03
CA ASP A 339 13.23 3.53 1.30
C ASP A 339 12.45 4.01 2.52
N SER A 340 12.23 5.32 2.55
CA SER A 340 11.54 5.93 3.70
C SER A 340 10.12 5.40 3.85
N LYS A 341 9.51 4.83 2.80
CA LYS A 341 8.20 4.21 2.95
C LYS A 341 8.21 3.08 3.97
N ALA A 342 9.38 2.50 4.25
CA ALA A 342 9.51 1.43 5.22
C ALA A 342 9.34 1.95 6.65
N THR A 343 8.11 2.00 7.12
CA THR A 343 7.79 2.52 8.44
C THR A 343 7.57 1.42 9.48
N ASN A 344 7.85 0.16 9.13
CA ASN A 344 7.63 -0.98 10.02
C ASN A 344 8.65 -2.06 9.70
N VAL A 345 8.71 -3.07 10.57
CA VAL A 345 9.75 -4.09 10.46
C VAL A 345 9.56 -4.92 9.19
N GLY A 346 8.31 -5.26 8.85
CA GLY A 346 8.08 -6.06 7.66
C GLY A 346 8.55 -5.40 6.37
N SER A 347 8.36 -4.08 6.26
CA SER A 347 8.83 -3.36 5.08
C SER A 347 10.35 -3.38 5.00
N THR A 348 11.02 -3.12 6.12
CA THR A 348 12.48 -3.14 6.07
C THR A 348 12.99 -4.56 5.79
N GLU A 349 12.32 -5.57 6.32
CA GLU A 349 12.64 -6.95 5.97
C GLU A 349 12.57 -7.16 4.45
N ALA A 350 11.54 -6.62 3.79
CA ALA A 350 11.44 -6.75 2.33
C ALA A 350 12.59 -6.05 1.60
N ALA A 351 13.12 -4.96 2.15
CA ALA A 351 14.27 -4.28 1.55
C ALA A 351 15.56 -5.06 1.76
N LEU A 352 15.71 -5.70 2.91
CA LEU A 352 16.96 -6.38 3.19
C LEU A 352 17.03 -7.76 2.55
N ASN A 353 15.89 -8.40 2.35
CA ASN A 353 15.90 -9.74 1.77
C ASN A 353 16.36 -9.69 0.32
N GLY A 354 17.34 -10.55 -0.03
CA GLY A 354 17.83 -10.56 -1.40
C GLY A 354 18.65 -9.34 -1.79
N LEU A 355 19.02 -8.50 -0.82
CA LEU A 355 19.77 -7.30 -1.13
C LEU A 355 21.15 -7.66 -1.65
N HIS A 356 21.54 -7.05 -2.77
CA HIS A 356 22.88 -7.25 -3.32
C HIS A 356 23.71 -5.99 -3.10
N VAL A 357 24.82 -6.15 -2.39
CA VAL A 357 25.77 -5.07 -2.17
C VAL A 357 27.16 -5.64 -2.37
N ASP A 358 27.90 -5.08 -3.32
CA ASP A 358 29.27 -5.55 -3.59
C ASP A 358 30.21 -5.20 -2.44
N GLY A 359 30.04 -4.04 -1.83
CA GLY A 359 30.88 -3.60 -0.74
C GLY A 359 30.22 -3.65 0.61
N THR A 360 30.12 -2.50 1.28
CA THR A 360 29.51 -2.38 2.60
C THR A 360 28.13 -1.76 2.49
N LEU A 361 27.18 -2.34 3.22
CA LEU A 361 25.87 -1.75 3.41
C LEU A 361 25.93 -0.80 4.60
N HIS A 362 25.57 0.46 4.38
CA HIS A 362 25.42 1.44 5.44
C HIS A 362 23.93 1.64 5.64
N LEU A 363 23.41 1.05 6.70
CA LEU A 363 21.97 0.97 6.89
C LEU A 363 21.53 1.95 7.96
N LEU A 364 20.56 2.81 7.61
CA LEU A 364 20.03 3.82 8.50
C LEU A 364 18.71 3.31 9.06
N LEU A 365 18.65 3.16 10.38
CA LEU A 365 17.47 2.67 11.08
C LEU A 365 17.09 3.65 12.17
N GLY A 366 15.79 3.79 12.38
CA GLY A 366 15.37 4.58 13.52
C GLY A 366 14.17 5.45 13.29
N GLY A 367 13.77 6.13 14.36
CA GLY A 367 12.50 6.82 14.44
C GLY A 367 11.67 6.34 15.62
N ASP A 368 10.36 6.43 15.48
CA ASP A 368 9.43 5.91 16.49
C ASP A 368 9.15 4.46 16.13
N GLY A 369 9.75 3.53 16.87
CA GLY A 369 9.55 2.12 16.54
C GLY A 369 8.23 1.52 16.98
N LYS A 370 7.43 2.24 17.77
CA LYS A 370 6.07 1.81 18.10
C LYS A 370 6.10 0.48 18.87
N SER A 371 7.11 0.28 19.71
CA SER A 371 7.23 -0.89 20.55
C SER A 371 7.32 -2.19 19.74
N ALA A 372 7.75 -2.11 18.49
CA ALA A 372 7.82 -3.30 17.66
C ALA A 372 8.94 -4.23 18.14
N ASP A 373 8.80 -5.50 17.76
CA ASP A 373 9.87 -6.49 17.90
C ASP A 373 10.78 -6.36 16.68
N PHE A 374 12.03 -5.97 16.91
CA PHE A 374 12.97 -5.88 15.81
C PHE A 374 13.73 -7.17 15.57
N SER A 375 13.45 -8.23 16.35
CA SER A 375 14.13 -9.51 16.18
C SER A 375 14.20 -9.98 14.73
N PRO A 376 13.16 -9.85 13.91
CA PRO A 376 13.24 -10.38 12.54
C PRO A 376 14.36 -9.76 11.72
N LEU A 377 14.85 -8.57 12.09
CA LEU A 377 15.89 -7.97 11.27
C LEU A 377 17.26 -8.56 11.55
N ALA A 378 17.44 -9.25 12.68
CA ALA A 378 18.77 -9.65 13.10
C ALA A 378 19.43 -10.57 12.09
N ARG A 379 18.66 -11.49 11.50
CA ARG A 379 19.26 -12.49 10.62
C ARG A 379 19.89 -11.87 9.37
N TYR A 380 19.55 -10.63 9.06
CA TYR A 380 20.10 -9.92 7.92
C TYR A 380 21.33 -9.09 8.25
N LEU A 381 21.70 -8.99 9.52
CA LEU A 381 22.69 -8.02 9.95
C LEU A 381 24.00 -8.66 10.41
N ASN A 382 24.21 -9.94 10.12
CA ASN A 382 25.52 -10.52 10.37
C ASN A 382 26.37 -10.35 9.11
N GLY A 383 27.57 -10.89 9.15
CA GLY A 383 28.48 -10.68 8.05
C GLY A 383 29.32 -9.44 8.24
N ASP A 384 30.46 -9.44 7.57
CA ASP A 384 31.50 -8.44 7.78
C ASP A 384 31.26 -7.15 7.02
N ASN A 385 30.15 -7.03 6.27
CA ASN A 385 29.95 -5.93 5.35
C ASN A 385 28.69 -5.12 5.65
N VAL A 386 28.32 -5.03 6.93
CA VAL A 386 27.13 -4.32 7.39
C VAL A 386 27.54 -3.33 8.48
N ARG A 387 27.11 -2.07 8.32
CA ARG A 387 27.28 -1.04 9.33
C ARG A 387 25.92 -0.42 9.60
N LEU A 388 25.62 -0.18 10.87
CA LEU A 388 24.34 0.42 11.27
C LEU A 388 24.54 1.84 11.77
N TYR A 389 23.61 2.70 11.39
CA TYR A 389 23.60 4.09 11.78
C TYR A 389 22.18 4.37 12.27
N CYS A 390 22.03 4.42 13.58
CA CYS A 390 20.71 4.37 14.19
C CYS A 390 20.38 5.73 14.79
N PHE A 391 19.15 6.18 14.58
CA PHE A 391 18.76 7.52 14.99
C PHE A 391 17.30 7.54 15.46
N GLY A 392 16.87 8.71 15.91
CA GLY A 392 15.49 8.88 16.30
C GLY A 392 15.20 8.37 17.69
N ARG A 393 13.93 8.50 18.05
CA ARG A 393 13.44 8.13 19.38
C ARG A 393 14.02 6.81 19.85
N ASP A 394 13.87 5.78 19.01
CA ASP A 394 14.20 4.41 19.40
C ASP A 394 15.51 3.92 18.78
N GLY A 395 16.44 4.83 18.47
CA GLY A 395 17.71 4.42 17.89
C GLY A 395 18.48 3.40 18.72
N ALA A 396 18.41 3.51 20.05
CA ALA A 396 19.18 2.56 20.87
C ALA A 396 18.68 1.14 20.71
N GLN A 397 17.35 0.95 20.54
CA GLN A 397 16.83 -0.39 20.36
C GLN A 397 17.30 -1.00 19.05
N LEU A 398 17.51 -0.17 18.03
CA LEU A 398 17.99 -0.67 16.75
C LEU A 398 19.47 -1.00 16.83
N ALA A 399 20.26 -0.14 17.48
CA ALA A 399 21.68 -0.43 17.60
C ALA A 399 21.91 -1.73 18.37
N ALA A 400 21.00 -2.05 19.29
CA ALA A 400 21.11 -3.26 20.08
C ALA A 400 21.05 -4.53 19.25
N LEU A 401 20.59 -4.45 18.01
CA LEU A 401 20.58 -5.64 17.15
C LEU A 401 21.99 -6.15 16.94
N ARG A 402 22.95 -5.25 16.87
CA ARG A 402 24.34 -5.64 16.70
C ARG A 402 25.24 -4.45 17.08
N PRO A 403 25.50 -4.26 18.37
CA PRO A 403 26.18 -3.04 18.83
C PRO A 403 27.54 -2.80 18.22
N GLU A 404 28.31 -3.86 17.92
CA GLU A 404 29.69 -3.71 17.50
C GLU A 404 29.84 -3.03 16.14
N VAL A 405 28.79 -3.03 15.31
CA VAL A 405 28.85 -2.37 14.00
C VAL A 405 27.93 -1.16 13.93
N ALA A 406 27.45 -0.66 15.07
CA ALA A 406 26.43 0.38 15.12
C ALA A 406 26.99 1.68 15.67
N GLU A 407 26.53 2.78 15.07
CA GLU A 407 26.60 4.13 15.65
C GLU A 407 25.18 4.58 16.00
N GLN A 408 25.07 5.44 17.00
CA GLN A 408 23.78 6.01 17.38
C GLN A 408 23.90 7.53 17.47
N THR A 409 23.00 8.22 16.78
CA THR A 409 22.89 9.68 16.83
C THR A 409 21.44 10.05 17.11
N GLU A 410 21.19 11.32 17.43
CA GLU A 410 19.80 11.74 17.58
C GLU A 410 19.09 11.82 16.23
N THR A 411 19.72 12.45 15.23
CA THR A 411 19.05 12.72 13.96
C THR A 411 19.66 11.97 12.78
N MET A 412 18.82 11.86 11.74
CA MET A 412 19.24 11.25 10.48
C MET A 412 20.41 12.02 9.88
N GLU A 413 20.36 13.35 9.89
CA GLU A 413 21.48 14.13 9.34
C GLU A 413 22.78 13.81 10.06
N GLN A 414 22.74 13.75 11.39
CA GLN A 414 23.93 13.40 12.14
C GLN A 414 24.45 12.02 11.75
N ALA A 415 23.54 11.06 11.57
CA ALA A 415 23.96 9.71 11.18
C ALA A 415 24.60 9.72 9.79
N MET A 416 23.98 10.43 8.84
CA MET A 416 24.51 10.50 7.48
C MET A 416 25.87 11.17 7.46
N ARG A 417 26.10 12.18 8.33
CA ARG A 417 27.40 12.80 8.37
C ARG A 417 28.46 11.87 8.97
N LEU A 418 28.07 10.90 9.80
CA LEU A 418 29.05 9.91 10.24
C LEU A 418 29.42 8.94 9.12
N LEU A 419 28.46 8.52 8.32
CA LEU A 419 28.75 7.48 7.35
C LEU A 419 29.37 8.05 6.08
N ALA A 420 29.11 9.31 5.76
CA ALA A 420 29.52 9.83 4.46
C ALA A 420 31.03 9.76 4.27
N PRO A 421 31.88 10.06 5.25
CA PRO A 421 33.32 9.95 5.01
C PRO A 421 33.82 8.53 4.95
N ARG A 422 32.95 7.55 5.19
CA ARG A 422 33.39 6.17 5.29
C ARG A 422 33.05 5.35 4.07
N VAL A 423 32.16 5.83 3.22
CA VAL A 423 31.72 5.03 2.08
C VAL A 423 32.81 4.94 1.02
N GLN A 424 32.77 3.83 0.30
CA GLN A 424 33.72 3.51 -0.76
C GLN A 424 32.95 2.98 -1.96
N PRO A 425 33.54 3.04 -3.16
CA PRO A 425 32.88 2.43 -4.32
C PRO A 425 32.52 0.98 -4.03
N GLY A 426 31.29 0.63 -4.39
CA GLY A 426 30.73 -0.67 -4.11
C GLY A 426 29.69 -0.63 -3.02
N ASP A 427 29.67 0.44 -2.25
CA ASP A 427 28.81 0.50 -1.07
C ASP A 427 27.40 0.93 -1.43
N MET A 428 26.50 0.68 -0.48
CA MET A 428 25.13 1.13 -0.52
C MET A 428 24.85 1.86 0.79
N VAL A 429 24.16 2.99 0.67
CA VAL A 429 23.60 3.72 1.80
C VAL A 429 22.08 3.56 1.70
N LEU A 430 21.49 2.84 2.65
CA LEU A 430 20.06 2.51 2.59
C LEU A 430 19.32 3.12 3.77
N LEU A 431 18.36 3.99 3.49
CA LEU A 431 17.41 4.48 4.48
C LEU A 431 16.19 3.58 4.40
N SER A 432 16.11 2.58 5.26
CA SER A 432 14.94 1.71 5.36
C SER A 432 14.67 1.59 6.86
N PRO A 433 14.00 2.59 7.47
CA PRO A 433 14.22 2.83 8.91
C PRO A 433 13.49 1.90 9.85
N ALA A 434 12.46 1.18 9.39
CA ALA A 434 11.68 0.21 10.13
C ALA A 434 10.79 0.86 11.18
N CYS A 435 10.62 2.18 11.12
CA CYS A 435 10.00 2.97 12.17
C CYS A 435 9.19 4.08 11.52
N ALA A 436 8.22 4.60 12.28
CA ALA A 436 7.53 5.78 11.82
C ALA A 436 8.45 6.99 11.92
N SER A 437 8.11 8.03 11.17
CA SER A 437 8.94 9.21 11.05
C SER A 437 8.53 10.34 11.96
N LEU A 438 7.40 10.22 12.67
CA LEU A 438 6.74 11.36 13.27
C LEU A 438 7.45 11.91 14.49
N ASP A 439 8.44 11.21 15.05
CA ASP A 439 9.19 11.79 16.15
C ASP A 439 10.03 12.98 15.68
N GLN A 440 10.36 13.03 14.39
CA GLN A 440 11.25 14.08 13.88
C GLN A 440 10.80 14.71 12.58
N PHE A 441 9.83 14.13 11.87
CA PHE A 441 9.42 14.61 10.56
C PHE A 441 7.90 14.75 10.52
N LYS A 442 7.43 15.56 9.57
CA LYS A 442 5.99 15.68 9.35
C LYS A 442 5.39 14.37 8.87
N ASN A 443 6.14 13.59 8.10
CA ASN A 443 5.67 12.31 7.55
C ASN A 443 6.84 11.63 6.86
N PHE A 444 6.62 10.41 6.36
CA PHE A 444 7.73 9.66 5.77
C PHE A 444 8.22 10.30 4.48
N GLU A 445 7.36 11.04 3.77
CA GLU A 445 7.80 11.72 2.57
CA GLU A 445 7.80 11.72 2.57
C GLU A 445 8.82 12.81 2.89
N GLN A 446 8.57 13.60 3.95
CA GLN A 446 9.56 14.59 4.35
C GLN A 446 10.87 13.93 4.77
N ARG A 447 10.79 12.80 5.47
CA ARG A 447 12.00 12.07 5.83
C ARG A 447 12.80 11.63 4.59
N GLY A 448 12.12 11.08 3.61
CA GLY A 448 12.79 10.69 2.37
C GLY A 448 13.35 11.87 1.60
N ASN A 449 12.60 12.98 1.54
CA ASN A 449 13.11 14.15 0.83
C ASN A 449 14.35 14.71 1.51
N GLU A 450 14.40 14.69 2.84
CA GLU A 450 15.57 15.19 3.54
C GLU A 450 16.75 14.25 3.33
N PHE A 451 16.51 12.95 3.30
CA PHE A 451 17.56 12.00 2.96
C PHE A 451 18.12 12.29 1.56
N ALA A 452 17.23 12.53 0.59
CA ALA A 452 17.68 12.83 -0.77
C ALA A 452 18.53 14.10 -0.80
N ARG A 453 18.08 15.15 -0.12
CA ARG A 453 18.85 16.38 -0.08
C ARG A 453 20.24 16.14 0.52
N LEU A 454 20.29 15.38 1.61
CA LEU A 454 21.59 15.18 2.27
C LEU A 454 22.50 14.26 1.48
N ALA A 455 21.93 13.28 0.77
CA ALA A 455 22.74 12.43 -0.09
C ALA A 455 23.42 13.25 -1.17
N LYS A 456 22.69 14.20 -1.76
CA LYS A 456 23.28 15.04 -2.78
C LYS A 456 24.36 15.96 -2.20
N GLU A 457 24.18 16.40 -0.96
CA GLU A 457 25.19 17.23 -0.30
C GLU A 457 26.43 16.42 0.06
N LEU A 458 26.24 15.18 0.52
CA LEU A 458 27.32 14.41 1.10
C LEU A 458 27.94 13.38 0.18
N GLY A 459 27.25 13.02 -0.89
CA GLY A 459 27.69 11.92 -1.75
C GLY A 459 28.39 12.39 -3.01
NA NA B . -26.11 1.33 -10.94
CL CL C . 4.00 0.98 -2.04
CL CL D . -9.64 -4.47 -21.23
CL CL E . 5.66 7.85 9.24
MG MG F . 8.42 5.14 23.42
MG MG G . -19.26 13.92 -10.21
C1 GOL H . 34.70 2.42 13.91
O1 GOL H . 34.29 1.33 14.73
C2 GOL H . 34.33 2.15 12.47
O2 GOL H . 34.60 3.30 11.70
C3 GOL H . 35.11 0.96 11.95
O3 GOL H . 36.47 1.38 11.87
C1 MPD I . 5.10 -24.05 -5.39
C2 MPD I . 5.07 -22.68 -4.74
O2 MPD I . 5.93 -21.84 -5.50
CM MPD I . 5.58 -22.86 -3.30
C3 MPD I . 3.66 -22.09 -4.78
C4 MPD I . 2.97 -21.89 -6.14
O4 MPD I . 1.79 -21.16 -5.82
C5 MPD I . 3.79 -21.15 -7.19
#